data_2B4M
#
_entry.id   2B4M
#
_cell.length_a   88.562
_cell.length_b   28.318
_cell.length_c   102.826
_cell.angle_alpha   90.00
_cell.angle_beta   93.87
_cell.angle_gamma   90.00
#
_symmetry.space_group_name_H-M   'P 1 21 1'
#
loop_
_entity.id
_entity.type
_entity.pdbx_description
1 polymer 'Glycine betaine-binding protein'
2 non-polymer 1,1-DIMETHYL-PROLINIUM
#
_entity_poly.entity_id   1
_entity_poly.type   'polypeptide(L)'
_entity_poly.pdbx_seq_one_letter_code
;DENASAAEQVNKTIIGIDPGSGIMSLTDKAMKDYDLNDWTLISASSAAMTATLKKSYDRKKPIIITGWTPHWMFSRYKLK
YLDDPKQSYGSAEEIHTITRKGFSKEQPNAAKLLSQFKWTQDEMGEIMIKVEEGEKPAKVAAEYVNKHKDQIAEWTKGVQ
KVKGDKINLAYVAWDSEIASTNVIGKVLEDLGYEVTLTQVEAGPMWTAIATGSADASLSAWLPNTHKAYAAKYKGKYDDI
GTSMTGVKMGLVVPQYMKNVNSIEDLKK
;
_entity_poly.pdbx_strand_id   A,B
#
# COMPACT_ATOMS: atom_id res chain seq x y z
N SER A 5 27.97 13.56 -11.17
CA SER A 5 26.96 13.42 -10.08
C SER A 5 26.41 11.99 -10.05
N ALA A 6 25.74 11.63 -8.95
CA ALA A 6 25.20 10.29 -8.78
C ALA A 6 24.11 10.00 -9.79
N ALA A 7 23.32 11.02 -10.13
CA ALA A 7 22.32 10.88 -11.17
C ALA A 7 23.01 10.63 -12.51
N GLU A 8 24.02 11.45 -12.82
CA GLU A 8 24.87 11.28 -14.01
C GLU A 8 25.40 9.86 -14.10
N GLN A 9 25.93 9.36 -12.98
CA GLN A 9 26.66 8.10 -12.95
C GLN A 9 25.82 6.85 -13.22
N VAL A 10 24.59 6.81 -12.73
CA VAL A 10 23.77 5.60 -12.88
C VAL A 10 22.58 5.77 -13.84
N ASN A 11 22.44 6.96 -14.43
CA ASN A 11 21.33 7.27 -15.34
C ASN A 11 19.96 7.29 -14.62
N LYS A 12 19.95 7.81 -13.39
CA LYS A 12 18.74 7.83 -12.55
C LYS A 12 18.09 6.44 -12.41
N THR A 13 18.89 5.44 -12.05
CA THR A 13 18.44 4.05 -12.00
C THR A 13 18.87 3.34 -10.72
N ILE A 14 17.90 2.76 -10.03
CA ILE A 14 18.16 1.91 -8.89
C ILE A 14 17.83 0.50 -9.30
N ILE A 15 18.74 -0.43 -9.06
CA ILE A 15 18.49 -1.85 -9.32
C ILE A 15 17.96 -2.50 -8.05
N GLY A 16 16.72 -2.96 -8.10
CA GLY A 16 16.10 -3.61 -6.94
C GLY A 16 15.89 -5.10 -7.09
N ILE A 17 15.11 -5.67 -6.18
CA ILE A 17 14.76 -7.09 -6.20
C ILE A 17 13.29 -7.28 -6.58
N ASP A 18 12.63 -8.31 -6.05
CA ASP A 18 11.27 -8.64 -6.49
C ASP A 18 10.20 -7.67 -6.01
N PRO A 19 9.25 -7.34 -6.90
CA PRO A 19 8.26 -6.28 -6.64
C PRO A 19 7.39 -6.44 -5.37
N GLY A 20 7.07 -7.68 -5.00
CA GLY A 20 6.20 -7.92 -3.85
C GLY A 20 6.91 -7.88 -2.50
N SER A 21 8.13 -7.35 -2.47
CA SER A 21 8.95 -7.44 -1.26
C SER A 21 8.92 -6.18 -0.39
N GLY A 22 9.27 -6.35 0.88
CA GLY A 22 9.22 -5.28 1.88
C GLY A 22 10.18 -4.14 1.57
N ILE A 23 11.39 -4.50 1.16
CA ILE A 23 12.39 -3.51 0.80
C ILE A 23 11.97 -2.67 -0.42
N MET A 24 11.11 -3.23 -1.25
CA MET A 24 10.70 -2.54 -2.46
C MET A 24 9.60 -1.50 -2.18
N SER A 25 8.71 -1.81 -1.25
CA SER A 25 7.73 -0.85 -0.74
C SER A 25 8.47 0.27 -0.05
N LEU A 26 9.35 -0.11 0.86
CA LEU A 26 10.18 0.85 1.58
C LEU A 26 10.96 1.78 0.66
N THR A 27 11.47 1.23 -0.45
CA THR A 27 12.18 2.02 -1.46
C THR A 27 11.24 3.00 -2.18
N ASP A 28 10.05 2.53 -2.51
CA ASP A 28 8.97 3.37 -3.04
C ASP A 28 8.78 4.59 -2.14
N LYS A 29 8.69 4.35 -0.84
CA LYS A 29 8.53 5.44 0.13
C LYS A 29 9.77 6.34 0.10
N ALA A 30 10.95 5.74 -0.02
CA ALA A 30 12.20 6.50 -0.06
C ALA A 30 12.23 7.45 -1.25
N MET A 31 12.06 6.90 -2.45
CA MET A 31 12.00 7.70 -3.66
C MET A 31 10.99 8.85 -3.52
N LYS A 32 9.88 8.58 -2.87
CA LYS A 32 8.86 9.59 -2.60
C LYS A 32 9.31 10.62 -1.54
N ASP A 33 10.07 10.18 -0.54
CA ASP A 33 10.49 11.05 0.57
C ASP A 33 11.60 12.03 0.20
N TYR A 34 12.41 11.65 -0.77
CA TYR A 34 13.60 12.41 -1.15
C TYR A 34 13.40 13.10 -2.49
N ASP A 35 12.14 13.12 -2.97
CA ASP A 35 11.76 13.70 -4.26
C ASP A 35 12.61 13.16 -5.41
N LEU A 36 12.52 11.84 -5.61
CA LEU A 36 13.27 11.15 -6.66
C LEU A 36 12.33 10.61 -7.76
N ASN A 37 11.23 11.33 -8.01
CA ASN A 37 10.17 10.81 -8.86
C ASN A 37 10.46 10.80 -10.37
N ASP A 38 11.68 11.21 -10.74
CA ASP A 38 12.18 11.05 -12.10
C ASP A 38 13.17 9.88 -12.21
N TRP A 39 13.43 9.22 -11.07
CA TRP A 39 14.28 8.03 -11.04
C TRP A 39 13.50 6.79 -11.43
N THR A 40 14.23 5.77 -11.87
CA THR A 40 13.65 4.46 -12.20
C THR A 40 14.12 3.42 -11.21
N LEU A 41 13.18 2.73 -10.58
CA LEU A 41 13.48 1.55 -9.77
C LEU A 41 13.21 0.28 -10.56
N ILE A 42 14.28 -0.41 -10.94
CA ILE A 42 14.16 -1.70 -11.62
C ILE A 42 13.79 -2.78 -10.61
N SER A 43 12.70 -3.49 -10.89
CA SER A 43 12.36 -4.70 -10.17
C SER A 43 13.08 -5.87 -10.84
N ALA A 44 13.57 -6.80 -10.03
CA ALA A 44 14.22 -7.98 -10.55
C ALA A 44 13.98 -9.17 -9.60
N SER A 45 15.05 -9.69 -9.01
CA SER A 45 14.98 -10.71 -7.96
C SER A 45 16.33 -10.75 -7.27
N SER A 46 16.46 -11.53 -6.20
CA SER A 46 17.75 -11.66 -5.54
C SER A 46 18.81 -12.16 -6.51
N ALA A 47 18.61 -13.36 -7.04
CA ALA A 47 19.53 -13.95 -8.02
C ALA A 47 19.94 -12.97 -9.13
N ALA A 48 18.97 -12.27 -9.72
CA ALA A 48 19.18 -11.36 -10.85
C ALA A 48 19.95 -10.08 -10.49
N MET A 49 19.65 -9.53 -9.33
CA MET A 49 20.28 -8.30 -8.87
C MET A 49 21.74 -8.54 -8.46
N THR A 50 21.98 -9.64 -7.73
CA THR A 50 23.33 -9.98 -7.28
C THR A 50 24.25 -10.31 -8.45
N ALA A 51 23.67 -10.85 -9.53
CA ALA A 51 24.37 -11.06 -10.79
C ALA A 51 24.71 -9.72 -11.48
N THR A 52 23.73 -8.80 -11.53
CA THR A 52 23.96 -7.46 -12.09
C THR A 52 24.99 -6.69 -11.27
N LEU A 53 24.96 -6.89 -9.94
CA LEU A 53 25.98 -6.33 -9.05
C LEU A 53 27.37 -6.86 -9.39
N LYS A 54 27.48 -8.17 -9.61
CA LYS A 54 28.75 -8.79 -9.98
C LYS A 54 29.36 -8.19 -11.26
N LYS A 55 28.58 -8.12 -12.34
CA LYS A 55 29.01 -7.47 -13.59
C LYS A 55 29.59 -6.08 -13.39
N SER A 56 28.82 -5.21 -12.72
CA SER A 56 29.19 -3.81 -12.51
C SER A 56 30.40 -3.62 -11.59
N TYR A 57 30.49 -4.46 -10.55
CA TYR A 57 31.61 -4.41 -9.62
C TYR A 57 32.93 -4.67 -10.35
N ASP A 58 32.98 -5.77 -11.10
CA ASP A 58 34.17 -6.19 -11.82
C ASP A 58 34.64 -5.12 -12.81
N ARG A 59 33.67 -4.47 -13.46
CA ARG A 59 33.93 -3.45 -14.47
C ARG A 59 34.20 -2.07 -13.85
N LYS A 60 34.02 -1.97 -12.52
CA LYS A 60 34.03 -0.69 -11.79
C LYS A 60 33.01 0.27 -12.40
N LYS A 61 31.85 -0.28 -12.76
CA LYS A 61 30.72 0.47 -13.26
C LYS A 61 29.91 0.94 -12.04
N PRO A 62 29.56 2.23 -11.97
CA PRO A 62 28.74 2.73 -10.85
C PRO A 62 27.35 2.09 -10.84
N ILE A 63 26.90 1.67 -9.65
CA ILE A 63 25.59 0.98 -9.48
C ILE A 63 24.97 1.32 -8.11
N ILE A 64 23.64 1.44 -8.07
CA ILE A 64 22.90 1.62 -6.82
C ILE A 64 21.87 0.51 -6.66
N ILE A 65 22.12 -0.42 -5.75
CA ILE A 65 21.16 -1.51 -5.50
C ILE A 65 20.28 -1.20 -4.29
N THR A 66 19.29 -2.07 -4.06
CA THR A 66 18.63 -2.17 -2.76
C THR A 66 19.26 -3.32 -1.99
N GLY A 67 20.04 -2.98 -0.96
CA GLY A 67 20.71 -3.98 -0.15
C GLY A 67 20.12 -4.10 1.24
N TRP A 68 20.25 -5.28 1.82
CA TRP A 68 19.88 -5.54 3.21
C TRP A 68 21.06 -6.17 3.90
N THR A 69 21.26 -5.87 5.19
CA THR A 69 22.50 -6.26 5.86
C THR A 69 22.68 -7.76 5.99
N PRO A 70 21.84 -8.47 6.78
CA PRO A 70 21.99 -9.94 6.90
C PRO A 70 22.00 -10.60 5.51
N HIS A 71 23.17 -10.53 4.86
CA HIS A 71 23.36 -11.07 3.52
C HIS A 71 24.84 -11.17 3.18
N TRP A 72 25.17 -12.19 2.39
CA TRP A 72 26.57 -12.44 2.00
C TRP A 72 27.16 -11.36 1.09
N MET A 73 26.32 -10.49 0.52
CA MET A 73 26.77 -9.45 -0.42
C MET A 73 27.78 -8.47 0.16
N PHE A 74 27.65 -8.21 1.45
CA PHE A 74 28.63 -7.36 2.14
C PHE A 74 29.94 -8.09 2.46
N SER A 75 29.95 -9.42 2.32
CA SER A 75 31.16 -10.23 2.49
C SER A 75 31.97 -10.37 1.19
N ARG A 76 31.29 -10.80 0.11
CA ARG A 76 31.92 -10.95 -1.20
C ARG A 76 32.30 -9.59 -1.83
N TYR A 77 31.67 -8.50 -1.37
CA TYR A 77 31.94 -7.16 -1.90
C TYR A 77 32.16 -6.08 -0.85
N LYS A 78 33.00 -5.10 -1.21
CA LYS A 78 33.17 -3.87 -0.46
C LYS A 78 32.03 -2.91 -0.81
N LEU A 79 30.95 -2.97 -0.05
CA LEU A 79 29.75 -2.14 -0.27
C LEU A 79 29.50 -1.18 0.90
N LYS A 80 28.55 -0.26 0.73
CA LYS A 80 28.21 0.73 1.77
C LYS A 80 26.78 1.25 1.66
N TYR A 81 26.20 1.65 2.80
CA TYR A 81 24.88 2.28 2.81
C TYR A 81 24.95 3.75 2.48
N LEU A 82 24.04 4.19 1.62
CA LEU A 82 23.78 5.61 1.47
C LEU A 82 22.97 6.00 2.71
N ASP A 83 23.37 7.10 3.35
CA ASP A 83 22.72 7.54 4.59
C ASP A 83 21.26 7.83 4.37
N ASP A 84 20.44 7.45 5.35
CA ASP A 84 18.99 7.70 5.32
C ASP A 84 18.58 8.66 6.46
N PRO A 85 18.85 9.96 6.31
CA PRO A 85 18.49 10.93 7.35
C PRO A 85 16.97 11.05 7.61
N LYS A 86 16.15 10.81 6.58
CA LYS A 86 14.70 10.87 6.71
C LYS A 86 14.13 9.54 7.22
N GLN A 87 15.03 8.57 7.40
CA GLN A 87 14.73 7.21 7.90
C GLN A 87 13.53 6.52 7.26
N SER A 88 13.49 6.66 5.93
CA SER A 88 12.42 6.11 5.09
C SER A 88 12.31 4.61 5.27
N TYR A 89 13.44 3.97 5.57
CA TYR A 89 13.48 2.52 5.74
C TYR A 89 13.17 2.10 7.18
N GLY A 90 12.71 3.03 8.00
CA GLY A 90 12.50 2.78 9.42
C GLY A 90 13.80 2.44 10.12
N SER A 91 13.69 1.81 11.29
CA SER A 91 14.88 1.44 12.05
C SER A 91 14.64 0.22 12.95
N ALA A 92 15.61 -0.07 13.83
CA ALA A 92 15.54 -1.18 14.78
C ALA A 92 14.86 -2.43 14.23
N GLU A 93 15.17 -2.78 12.98
CA GLU A 93 14.63 -3.98 12.37
C GLU A 93 15.22 -5.23 13.04
N GLU A 94 14.40 -6.27 13.11
CA GLU A 94 14.72 -7.50 13.84
C GLU A 94 14.15 -8.68 13.09
N ILE A 95 14.81 -9.83 13.26
CA ILE A 95 14.24 -11.09 12.79
C ILE A 95 13.55 -11.77 13.97
N HIS A 96 12.30 -12.15 13.77
CA HIS A 96 11.48 -12.72 14.83
C HIS A 96 11.13 -14.21 14.62
N THR A 97 10.88 -14.92 15.72
CA THR A 97 10.44 -16.32 15.67
C THR A 97 8.95 -16.36 15.96
N ILE A 98 8.13 -16.71 14.96
CA ILE A 98 6.68 -16.76 15.14
C ILE A 98 6.08 -18.17 15.03
N THR A 99 5.03 -18.43 15.81
CA THR A 99 4.28 -19.68 15.71
C THR A 99 2.79 -19.45 15.46
N ARG A 100 2.08 -20.54 15.21
CA ARG A 100 0.64 -20.51 15.11
C ARG A 100 0.05 -20.37 16.50
N LYS A 101 -1.08 -19.67 16.58
CA LYS A 101 -1.82 -19.47 17.83
C LYS A 101 -2.01 -20.80 18.59
N GLY A 102 -1.48 -20.86 19.80
CA GLY A 102 -1.64 -22.06 20.64
C GLY A 102 -0.65 -23.18 20.41
N PHE A 103 0.50 -22.87 19.80
CA PHE A 103 1.56 -23.85 19.60
C PHE A 103 2.33 -24.12 20.89
N SER A 104 2.52 -23.07 21.68
CA SER A 104 3.29 -23.13 22.93
C SER A 104 2.72 -24.12 23.95
N LYS A 105 1.41 -24.33 23.92
CA LYS A 105 0.75 -25.24 24.87
C LYS A 105 0.49 -26.60 24.27
N GLU A 106 0.29 -26.63 22.95
CA GLU A 106 0.20 -27.84 22.15
C GLU A 106 1.54 -28.58 22.22
N GLN A 107 2.64 -27.83 22.11
CA GLN A 107 4.00 -28.36 22.18
C GLN A 107 4.95 -27.45 22.96
N PRO A 108 4.98 -27.59 24.29
CA PRO A 108 5.79 -26.69 25.13
C PRO A 108 7.29 -26.86 24.89
N ASN A 109 7.72 -28.10 24.72
CA ASN A 109 9.11 -28.45 24.46
C ASN A 109 9.72 -27.81 23.20
N ALA A 110 8.99 -27.87 22.09
CA ALA A 110 9.45 -27.32 20.81
C ALA A 110 9.49 -25.78 20.82
N ALA A 111 8.48 -25.18 21.46
CA ALA A 111 8.40 -23.73 21.67
C ALA A 111 9.53 -23.21 22.56
N LYS A 112 9.90 -23.99 23.57
CA LYS A 112 11.03 -23.67 24.44
C LYS A 112 12.27 -23.43 23.59
N LEU A 113 12.58 -24.37 22.70
CA LEU A 113 13.76 -24.30 21.82
C LEU A 113 13.69 -23.10 20.87
N LEU A 114 12.55 -22.98 20.17
CA LEU A 114 12.31 -21.90 19.23
C LEU A 114 12.43 -20.52 19.85
N SER A 115 11.99 -20.37 21.10
CA SER A 115 12.05 -19.09 21.79
C SER A 115 13.45 -18.75 22.29
N GLN A 116 14.32 -19.76 22.36
CA GLN A 116 15.68 -19.58 22.85
C GLN A 116 16.69 -19.40 21.71
N PHE A 117 16.22 -19.54 20.48
CA PHE A 117 17.04 -19.36 19.29
C PHE A 117 17.50 -17.89 19.08
N LYS A 118 18.81 -17.68 19.15
CA LYS A 118 19.46 -16.40 18.91
C LYS A 118 20.79 -16.65 18.20
N TRP A 119 21.23 -15.69 17.38
CA TRP A 119 22.59 -15.68 16.84
C TRP A 119 22.90 -14.34 16.17
N THR A 120 24.16 -14.13 15.76
CA THR A 120 24.61 -12.86 15.17
C THR A 120 24.68 -12.95 13.65
N GLN A 121 24.95 -11.80 13.02
CA GLN A 121 24.97 -11.64 11.55
C GLN A 121 26.04 -12.45 10.84
N ASP A 122 27.22 -12.52 11.45
CA ASP A 122 28.35 -13.20 10.84
C ASP A 122 28.24 -14.69 11.09
N GLU A 123 27.53 -15.06 12.16
CA GLU A 123 27.22 -16.46 12.44
C GLU A 123 26.26 -17.01 11.40
N MET A 124 25.29 -16.20 10.99
CA MET A 124 24.40 -16.52 9.86
C MET A 124 25.17 -16.57 8.51
N GLY A 125 26.10 -15.63 8.31
CA GLY A 125 26.97 -15.61 7.12
C GLY A 125 27.91 -16.82 7.01
N GLU A 126 28.34 -17.34 8.16
CA GLU A 126 29.04 -18.62 8.27
C GLU A 126 28.30 -19.64 7.39
N ILE A 127 26.97 -19.61 7.43
CA ILE A 127 26.13 -20.52 6.64
C ILE A 127 25.84 -20.01 5.22
N MET A 128 25.34 -18.77 5.13
CA MET A 128 25.00 -18.14 3.84
C MET A 128 26.10 -18.20 2.80
N ILE A 129 27.35 -18.03 3.23
CA ILE A 129 28.50 -18.01 2.32
C ILE A 129 28.79 -19.39 1.75
N LYS A 130 28.84 -20.39 2.63
CA LYS A 130 29.02 -21.78 2.23
C LYS A 130 27.90 -22.28 1.30
N VAL A 131 26.67 -21.81 1.52
CA VAL A 131 25.55 -22.20 0.67
C VAL A 131 25.65 -21.58 -0.73
N GLU A 132 25.99 -20.29 -0.81
CA GLU A 132 26.21 -19.63 -2.12
C GLU A 132 27.40 -20.21 -2.89
N GLU A 133 28.38 -20.73 -2.14
CA GLU A 133 29.49 -21.52 -2.69
C GLU A 133 29.01 -22.86 -3.28
N GLY A 134 27.72 -23.17 -3.08
CA GLY A 134 27.12 -24.37 -3.65
C GLY A 134 27.02 -25.56 -2.71
N GLU A 135 27.49 -25.38 -1.48
CA GLU A 135 27.30 -26.39 -0.45
C GLU A 135 25.82 -26.52 -0.15
N LYS A 136 25.39 -27.76 0.10
CA LYS A 136 23.99 -28.05 0.41
C LYS A 136 23.60 -27.59 1.82
N PRO A 137 22.54 -26.79 1.94
CA PRO A 137 22.12 -26.21 3.20
C PRO A 137 22.06 -27.18 4.38
N ALA A 138 21.53 -28.39 4.18
CA ALA A 138 21.42 -29.39 5.25
C ALA A 138 22.78 -29.86 5.75
N LYS A 139 23.74 -29.95 4.85
CA LYS A 139 25.13 -30.27 5.21
C LYS A 139 25.78 -29.14 5.99
N VAL A 140 25.60 -27.89 5.54
CA VAL A 140 26.17 -26.72 6.21
C VAL A 140 25.55 -26.55 7.59
N ALA A 141 24.25 -26.81 7.71
CA ALA A 141 23.57 -26.81 9.01
C ALA A 141 24.19 -27.82 9.97
N ALA A 142 24.39 -29.06 9.51
CA ALA A 142 25.06 -30.10 10.32
C ALA A 142 26.45 -29.65 10.73
N GLU A 143 27.25 -29.20 9.77
CA GLU A 143 28.61 -28.71 10.02
C GLU A 143 28.62 -27.62 11.10
N TYR A 144 27.63 -26.74 11.03
CA TYR A 144 27.48 -25.62 11.95
C TYR A 144 27.21 -26.07 13.40
N VAL A 145 26.26 -27.00 13.56
CA VAL A 145 25.87 -27.45 14.90
C VAL A 145 26.96 -28.29 15.57
N ASN A 146 27.72 -29.03 14.77
CA ASN A 146 28.82 -29.86 15.28
C ASN A 146 30.10 -29.04 15.45
N LYS A 147 29.97 -27.73 15.25
CA LYS A 147 31.06 -26.77 15.38
C LYS A 147 30.79 -25.80 16.52
N HIS A 148 29.70 -25.03 16.41
CA HIS A 148 29.24 -24.14 17.48
C HIS A 148 28.53 -24.88 18.65
N LYS A 149 29.24 -25.84 19.26
CA LYS A 149 28.70 -26.72 20.32
C LYS A 149 28.00 -25.99 21.49
N ASP A 150 28.60 -24.88 21.91
CA ASP A 150 28.10 -24.13 23.06
C ASP A 150 26.84 -23.31 22.75
N GLN A 151 26.71 -22.86 21.51
CA GLN A 151 25.56 -22.07 21.10
C GLN A 151 24.30 -22.94 21.11
N ILE A 152 24.43 -24.18 20.67
CA ILE A 152 23.32 -25.14 20.66
C ILE A 152 22.85 -25.46 22.09
N ALA A 153 23.82 -25.63 23.00
CA ALA A 153 23.53 -25.80 24.43
C ALA A 153 22.64 -24.68 24.99
N GLU A 154 22.97 -23.42 24.66
CA GLU A 154 22.10 -22.27 24.95
C GLU A 154 20.69 -22.56 24.49
N TRP A 155 20.54 -22.84 23.20
CA TRP A 155 19.26 -23.06 22.55
C TRP A 155 18.48 -24.25 23.13
N THR A 156 19.18 -25.34 23.42
CA THR A 156 18.54 -26.58 23.91
C THR A 156 18.52 -26.67 25.44
N LYS A 157 18.83 -25.56 26.12
CA LYS A 157 18.84 -25.50 27.58
C LYS A 157 17.48 -25.88 28.15
N GLY A 158 17.46 -26.89 29.04
CA GLY A 158 16.24 -27.43 29.61
C GLY A 158 15.23 -27.95 28.58
N VAL A 159 15.72 -28.44 27.44
CA VAL A 159 14.86 -28.97 26.37
C VAL A 159 15.02 -30.50 26.27
N GLN A 160 13.91 -31.21 26.52
CA GLN A 160 13.86 -32.67 26.47
C GLN A 160 13.92 -33.22 25.04
N LYS A 161 14.15 -34.54 24.94
CA LYS A 161 14.08 -35.24 23.67
C LYS A 161 12.70 -35.86 23.48
N VAL A 162 12.30 -36.00 22.20
CA VAL A 162 10.98 -36.48 21.82
C VAL A 162 11.08 -37.75 20.93
N LYS A 163 9.99 -38.51 20.85
CA LYS A 163 9.95 -39.73 20.02
C LYS A 163 9.28 -39.52 18.66
N GLY A 164 9.97 -38.79 17.78
CA GLY A 164 9.54 -38.61 16.39
C GLY A 164 8.36 -37.68 16.17
N ASP A 165 8.10 -36.79 17.12
CA ASP A 165 7.05 -35.79 16.97
C ASP A 165 7.17 -34.97 15.68
N LYS A 166 6.01 -34.66 15.09
CA LYS A 166 5.99 -33.94 13.83
C LYS A 166 6.03 -32.41 14.01
N ILE A 167 6.83 -31.75 13.17
CA ILE A 167 6.87 -30.28 13.16
C ILE A 167 7.06 -29.69 11.76
N ASN A 168 6.24 -28.71 11.46
CA ASN A 168 6.23 -28.06 10.16
C ASN A 168 6.78 -26.67 10.25
N LEU A 169 7.98 -26.45 9.73
CA LEU A 169 8.56 -25.10 9.70
C LEU A 169 8.35 -24.45 8.34
N ALA A 170 7.65 -23.31 8.33
CA ALA A 170 7.49 -22.54 7.10
C ALA A 170 8.63 -21.54 6.96
N TYR A 171 9.21 -21.49 5.77
CA TYR A 171 10.27 -20.51 5.47
C TYR A 171 10.06 -19.81 4.14
N VAL A 172 10.48 -18.55 4.10
CA VAL A 172 10.55 -17.78 2.85
C VAL A 172 11.98 -17.93 2.31
N ALA A 173 12.10 -18.13 0.99
CA ALA A 173 13.37 -18.54 0.39
C ALA A 173 14.40 -17.41 0.15
N TRP A 174 14.56 -16.50 1.11
CA TRP A 174 15.70 -15.59 1.12
C TRP A 174 16.87 -16.33 1.78
N ASP A 175 18.08 -16.03 1.33
CA ASP A 175 19.28 -16.77 1.76
C ASP A 175 19.49 -16.76 3.28
N SER A 176 19.06 -15.69 3.92
CA SER A 176 19.14 -15.54 5.37
C SER A 176 18.29 -16.59 6.06
N GLU A 177 17.07 -16.74 5.55
CA GLU A 177 16.10 -17.65 6.14
C GLU A 177 16.30 -19.11 5.75
N ILE A 178 17.04 -19.36 4.67
CA ILE A 178 17.50 -20.70 4.36
C ILE A 178 18.56 -21.09 5.39
N ALA A 179 19.34 -20.11 5.83
CA ALA A 179 20.36 -20.30 6.85
C ALA A 179 19.70 -20.75 8.15
N SER A 180 18.87 -19.87 8.72
CA SER A 180 18.23 -20.07 10.01
C SER A 180 17.30 -21.28 10.06
N THR A 181 16.44 -21.41 9.05
CA THR A 181 15.47 -22.48 9.04
C THR A 181 16.14 -23.86 9.04
N ASN A 182 17.24 -24.00 8.32
CA ASN A 182 17.96 -25.27 8.28
C ASN A 182 18.72 -25.60 9.55
N VAL A 183 19.36 -24.59 10.13
CA VAL A 183 20.11 -24.80 11.36
C VAL A 183 19.16 -25.25 12.46
N ILE A 184 18.04 -24.56 12.63
CA ILE A 184 17.07 -24.93 13.62
C ILE A 184 16.42 -26.27 13.27
N GLY A 185 16.11 -26.45 11.99
CA GLY A 185 15.59 -27.71 11.48
C GLY A 185 16.45 -28.87 11.92
N LYS A 186 17.76 -28.70 11.80
CA LYS A 186 18.72 -29.74 12.14
C LYS A 186 18.73 -29.99 13.65
N VAL A 187 18.64 -28.91 14.42
CA VAL A 187 18.66 -29.01 15.87
C VAL A 187 17.49 -29.88 16.33
N LEU A 188 16.33 -29.63 15.74
CA LEU A 188 15.11 -30.39 16.01
C LEU A 188 15.25 -31.86 15.61
N GLU A 189 15.89 -32.09 14.46
CA GLU A 189 16.14 -33.45 14.00
C GLU A 189 17.10 -34.20 14.91
N ASP A 190 18.10 -33.50 15.44
CA ASP A 190 19.02 -34.07 16.42
C ASP A 190 18.30 -34.36 17.74
N LEU A 191 17.19 -33.68 17.95
CA LEU A 191 16.39 -33.80 19.15
C LEU A 191 15.36 -34.93 19.05
N GLY A 192 15.23 -35.50 17.85
CA GLY A 192 14.30 -36.61 17.59
C GLY A 192 12.95 -36.19 17.03
N TYR A 193 12.90 -35.03 16.37
CA TYR A 193 11.67 -34.51 15.77
C TYR A 193 11.57 -34.93 14.31
N GLU A 194 10.36 -35.17 13.83
CA GLU A 194 10.11 -35.34 12.39
C GLU A 194 9.84 -33.96 11.80
N VAL A 195 10.85 -33.42 11.11
CA VAL A 195 10.80 -32.03 10.65
C VAL A 195 10.46 -31.90 9.16
N THR A 196 9.44 -31.09 8.88
CA THR A 196 9.11 -30.68 7.52
C THR A 196 9.44 -29.20 7.39
N LEU A 197 10.09 -28.83 6.29
CA LEU A 197 10.25 -27.42 5.96
C LEU A 197 9.36 -27.13 4.76
N THR A 198 8.41 -26.22 4.94
CA THR A 198 7.53 -25.83 3.84
C THR A 198 7.93 -24.45 3.30
N GLN A 199 8.32 -24.42 2.02
CA GLN A 199 8.72 -23.18 1.35
C GLN A 199 7.48 -22.47 0.83
N VAL A 200 7.45 -21.16 1.03
CA VAL A 200 6.35 -20.30 0.58
C VAL A 200 6.83 -18.86 0.40
N GLU A 201 6.06 -18.06 -0.32
CA GLU A 201 6.29 -16.62 -0.37
C GLU A 201 5.87 -16.01 0.98
N ALA A 202 6.35 -14.80 1.27
CA ALA A 202 5.78 -13.98 2.36
C ALA A 202 4.34 -13.64 1.99
N GLY A 203 3.42 -13.89 2.91
CA GLY A 203 2.01 -13.76 2.59
C GLY A 203 1.42 -15.13 2.78
N PRO A 204 1.63 -16.04 1.80
CA PRO A 204 1.38 -17.47 2.01
C PRO A 204 2.02 -18.02 3.31
N MET A 205 3.21 -17.54 3.65
CA MET A 205 3.86 -17.84 4.93
C MET A 205 3.07 -17.33 6.13
N TRP A 206 2.68 -16.06 6.08
CA TRP A 206 1.88 -15.44 7.15
C TRP A 206 0.51 -16.09 7.29
N THR A 207 -0.14 -16.37 6.15
CA THR A 207 -1.40 -17.08 6.11
C THR A 207 -1.29 -18.46 6.73
N ALA A 208 -0.29 -19.23 6.30
CA ALA A 208 -0.06 -20.58 6.83
C ALA A 208 0.03 -20.58 8.36
N ILE A 209 0.75 -19.60 8.91
CA ILE A 209 0.92 -19.50 10.35
C ILE A 209 -0.41 -19.12 11.01
N ALA A 210 -1.05 -18.08 10.45
CA ALA A 210 -2.28 -17.52 11.02
C ALA A 210 -3.47 -18.48 10.94
N THR A 211 -3.44 -19.39 9.97
CA THR A 211 -4.47 -20.41 9.80
C THR A 211 -4.05 -21.82 10.23
N GLY A 212 -3.04 -21.92 11.09
CA GLY A 212 -2.58 -23.18 11.66
C GLY A 212 -1.95 -24.20 10.74
N SER A 213 -1.89 -23.92 9.44
CA SER A 213 -1.42 -24.91 8.45
C SER A 213 0.11 -25.05 8.43
N ALA A 214 0.77 -24.25 9.25
CA ALA A 214 2.19 -24.42 9.56
C ALA A 214 2.42 -24.12 11.05
N ASP A 215 3.37 -24.84 11.64
CA ASP A 215 3.67 -24.71 13.07
C ASP A 215 4.49 -23.48 13.43
N ALA A 216 5.62 -23.28 12.75
CA ALA A 216 6.51 -22.17 13.11
C ALA A 216 7.26 -21.60 11.92
N SER A 217 7.73 -20.37 12.08
CA SER A 217 8.52 -19.70 11.05
C SER A 217 9.56 -18.79 11.66
N LEU A 218 10.73 -18.74 11.03
CA LEU A 218 11.85 -17.91 11.48
C LEU A 218 12.11 -16.79 10.45
N SER A 219 11.05 -16.36 9.78
CA SER A 219 11.16 -15.48 8.63
C SER A 219 10.47 -14.13 8.83
N ALA A 220 9.96 -13.91 10.03
CA ALA A 220 9.31 -12.66 10.36
C ALA A 220 10.37 -11.57 10.51
N TRP A 221 10.36 -10.61 9.60
CA TRP A 221 11.19 -9.43 9.71
C TRP A 221 10.30 -8.26 10.14
N LEU A 222 10.47 -7.83 11.39
CA LEU A 222 9.59 -6.86 12.03
C LEU A 222 10.47 -5.78 12.66
N PRO A 223 9.97 -4.54 12.81
CA PRO A 223 8.61 -4.16 12.44
C PRO A 223 8.39 -3.62 11.02
N ASN A 224 9.48 -3.27 10.32
CA ASN A 224 9.39 -2.55 9.04
C ASN A 224 9.05 -3.40 7.82
N THR A 225 9.65 -4.58 7.71
CA THR A 225 9.54 -5.35 6.48
C THR A 225 8.15 -5.94 6.27
N HIS A 226 7.56 -6.46 7.34
CA HIS A 226 6.25 -7.12 7.32
C HIS A 226 5.21 -6.35 8.12
N LYS A 227 5.29 -5.03 8.06
CA LYS A 227 4.36 -4.13 8.74
C LYS A 227 2.92 -4.56 8.49
N ALA A 228 2.58 -4.67 7.20
CA ALA A 228 1.24 -5.01 6.73
C ALA A 228 0.81 -6.43 7.09
N TYR A 229 1.69 -7.40 6.82
CA TYR A 229 1.42 -8.81 7.16
C TYR A 229 1.19 -9.08 8.65
N ALA A 230 2.02 -8.47 9.51
CA ALA A 230 1.84 -8.51 10.96
C ALA A 230 0.53 -7.85 11.42
N ALA A 231 0.24 -6.66 10.87
CA ALA A 231 -1.02 -5.98 11.12
C ALA A 231 -2.23 -6.86 10.76
N LYS A 232 -2.23 -7.34 9.52
CA LYS A 232 -3.28 -8.20 8.96
C LYS A 232 -3.66 -9.40 9.85
N TYR A 233 -2.67 -10.01 10.51
CA TYR A 233 -2.91 -11.16 11.38
C TYR A 233 -2.55 -10.83 12.83
N LYS A 234 -3.04 -9.66 13.27
CA LYS A 234 -2.70 -9.05 14.57
C LYS A 234 -2.89 -10.00 15.76
N GLY A 235 -4.07 -10.61 15.87
CA GLY A 235 -4.36 -11.43 17.03
C GLY A 235 -4.36 -12.93 16.78
N LYS A 236 -3.73 -13.34 15.68
CA LYS A 236 -3.87 -14.69 15.14
C LYS A 236 -2.55 -15.47 15.04
N TYR A 237 -1.47 -14.93 15.61
CA TYR A 237 -0.18 -15.66 15.67
C TYR A 237 0.50 -15.41 17.02
N ASP A 238 1.57 -16.15 17.29
CA ASP A 238 2.42 -15.91 18.47
C ASP A 238 3.80 -15.45 18.05
N ASP A 239 4.30 -14.40 18.70
CA ASP A 239 5.67 -13.93 18.51
C ASP A 239 6.44 -14.33 19.75
N ILE A 240 7.21 -15.41 19.65
CA ILE A 240 7.80 -16.04 20.84
C ILE A 240 9.31 -15.87 20.99
N GLY A 241 9.95 -15.12 20.09
CA GLY A 241 11.36 -14.80 20.24
C GLY A 241 11.88 -13.84 19.19
N THR A 242 13.00 -13.19 19.51
CA THR A 242 13.78 -12.45 18.51
C THR A 242 15.07 -13.21 18.24
N SER A 243 15.29 -13.60 16.99
CA SER A 243 16.49 -14.32 16.61
C SER A 243 17.64 -13.43 16.12
N MET A 244 17.34 -12.18 15.77
CA MET A 244 18.39 -11.23 15.43
C MET A 244 17.96 -9.78 15.43
N THR A 245 18.88 -8.91 15.86
CA THR A 245 18.67 -7.46 15.86
C THR A 245 19.68 -6.76 14.91
N GLY A 246 19.57 -5.44 14.81
CA GLY A 246 20.53 -4.64 14.04
C GLY A 246 20.57 -4.92 12.54
N VAL A 247 19.52 -5.56 12.02
CA VAL A 247 19.40 -5.75 10.58
C VAL A 247 19.07 -4.38 9.94
N LYS A 248 19.84 -4.00 8.93
CA LYS A 248 19.66 -2.69 8.26
C LYS A 248 19.24 -2.93 6.81
N MET A 249 18.62 -1.93 6.21
CA MET A 249 18.27 -2.00 4.77
C MET A 249 18.17 -0.64 4.09
N GLY A 250 18.50 -0.61 2.81
CA GLY A 250 18.38 0.61 2.04
C GLY A 250 19.09 0.57 0.72
N LEU A 251 19.56 1.75 0.31
CA LEU A 251 20.31 1.92 -0.92
C LEU A 251 21.78 1.64 -0.66
N VAL A 252 22.33 0.77 -1.47
CA VAL A 252 23.69 0.29 -1.29
C VAL A 252 24.46 0.57 -2.57
N VAL A 253 25.63 1.17 -2.42
CA VAL A 253 26.56 1.35 -3.54
C VAL A 253 27.88 0.67 -3.17
N PRO A 254 28.71 0.35 -4.17
CA PRO A 254 30.03 -0.16 -3.89
C PRO A 254 30.89 0.96 -3.34
N GLN A 255 31.93 0.59 -2.59
CA GLN A 255 32.78 1.58 -1.95
C GLN A 255 33.57 2.46 -2.92
N TYR A 256 33.75 2.02 -4.17
CA TYR A 256 34.53 2.81 -5.11
C TYR A 256 33.83 4.14 -5.50
N MET A 257 32.51 4.17 -5.35
CA MET A 257 31.72 5.38 -5.51
C MET A 257 31.91 6.31 -4.30
N LYS A 258 33.13 6.85 -4.15
CA LYS A 258 33.51 7.67 -2.99
C LYS A 258 32.60 8.88 -2.77
N ASN A 259 32.21 9.52 -3.87
CA ASN A 259 31.48 10.78 -3.80
C ASN A 259 29.98 10.64 -3.60
N VAL A 260 29.51 9.40 -3.52
CA VAL A 260 28.10 9.14 -3.24
C VAL A 260 27.99 8.48 -1.87
N ASN A 261 27.40 9.21 -0.93
CA ASN A 261 27.31 8.77 0.46
C ASN A 261 25.92 8.82 1.09
N SER A 262 25.11 9.80 0.67
CA SER A 262 23.75 9.93 1.18
C SER A 262 22.74 9.64 0.07
N ILE A 263 21.51 9.31 0.45
CA ILE A 263 20.42 9.29 -0.52
C ILE A 263 20.22 10.72 -1.04
N GLU A 264 20.55 11.71 -0.20
CA GLU A 264 20.49 13.15 -0.54
C GLU A 264 21.35 13.48 -1.74
N ASP A 265 22.42 12.71 -1.93
CA ASP A 265 23.36 12.92 -3.01
C ASP A 265 22.73 12.61 -4.37
N LEU A 266 21.59 11.91 -4.33
CA LEU A 266 20.88 11.57 -5.56
C LEU A 266 20.07 12.75 -6.12
N LYS A 267 19.71 13.69 -5.24
CA LYS A 267 18.97 14.90 -5.63
C LYS A 267 19.80 15.83 -6.52
N LYS A 268 21.13 15.72 -6.39
CA LYS A 268 22.05 16.57 -7.15
C LYS A 268 21.99 16.26 -8.64
N SER B 5 -25.08 -18.35 3.25
CA SER B 5 -23.88 -17.48 3.49
C SER B 5 -23.70 -16.42 2.40
N ALA B 6 -22.87 -15.41 2.68
CA ALA B 6 -22.64 -14.31 1.75
C ALA B 6 -21.97 -14.80 0.49
N ALA B 7 -21.03 -15.73 0.64
CA ALA B 7 -20.40 -16.38 -0.50
C ALA B 7 -21.46 -17.11 -1.34
N GLU B 8 -22.26 -17.96 -0.67
CA GLU B 8 -23.40 -18.66 -1.27
C GLU B 8 -24.27 -17.71 -2.09
N GLN B 9 -24.67 -16.62 -1.45
CA GLN B 9 -25.65 -15.68 -2.00
C GLN B 9 -25.25 -14.95 -3.27
N VAL B 10 -23.98 -14.56 -3.41
CA VAL B 10 -23.54 -13.79 -4.59
C VAL B 10 -22.61 -14.55 -5.53
N ASN B 11 -22.33 -15.81 -5.21
CA ASN B 11 -21.43 -16.67 -6.00
C ASN B 11 -19.97 -16.19 -5.99
N LYS B 12 -19.52 -15.69 -4.83
CA LYS B 12 -18.17 -15.12 -4.64
C LYS B 12 -17.84 -13.99 -5.63
N THR B 13 -18.80 -13.07 -5.82
CA THR B 13 -18.71 -12.01 -6.84
C THR B 13 -18.97 -10.63 -6.25
N ILE B 14 -18.05 -9.72 -6.54
CA ILE B 14 -18.24 -8.31 -6.22
C ILE B 14 -18.39 -7.57 -7.55
N ILE B 15 -19.41 -6.73 -7.64
CA ILE B 15 -19.59 -5.88 -8.81
C ILE B 15 -18.94 -4.52 -8.59
N GLY B 16 -17.87 -4.24 -9.31
CA GLY B 16 -17.15 -2.98 -9.17
C GLY B 16 -17.37 -1.99 -10.30
N ILE B 17 -16.56 -0.93 -10.33
CA ILE B 17 -16.60 0.06 -11.41
C ILE B 17 -15.36 -0.05 -12.30
N ASP B 18 -14.87 1.07 -12.84
CA ASP B 18 -13.81 1.01 -13.86
C ASP B 18 -12.44 0.66 -13.27
N PRO B 19 -11.69 -0.17 -13.99
CA PRO B 19 -10.42 -0.75 -13.48
C PRO B 19 -9.34 0.24 -13.02
N GLY B 20 -9.23 1.39 -13.67
CA GLY B 20 -8.19 2.35 -13.32
C GLY B 20 -8.53 3.27 -12.15
N SER B 21 -9.56 2.93 -11.38
CA SER B 21 -10.07 3.83 -10.34
C SER B 21 -9.54 3.53 -8.94
N GLY B 22 -9.59 4.54 -8.07
CA GLY B 22 -9.00 4.44 -6.73
C GLY B 22 -9.66 3.37 -5.89
N ILE B 23 -11.00 3.36 -5.95
CA ILE B 23 -11.80 2.39 -5.22
C ILE B 23 -11.51 0.95 -5.65
N MET B 24 -11.05 0.78 -6.88
CA MET B 24 -10.75 -0.55 -7.40
C MET B 24 -9.40 -1.09 -6.92
N SER B 25 -8.41 -0.21 -6.78
CA SER B 25 -7.12 -0.54 -6.15
C SER B 25 -7.32 -0.88 -4.69
N LEU B 26 -8.05 0.02 -4.01
CA LEU B 26 -8.45 -0.18 -2.62
C LEU B 26 -9.19 -1.51 -2.39
N THR B 27 -10.07 -1.89 -3.31
CA THR B 27 -10.77 -3.17 -3.23
C THR B 27 -9.80 -4.36 -3.42
N ASP B 28 -8.87 -4.20 -4.35
CA ASP B 28 -7.82 -5.18 -4.54
C ASP B 28 -7.10 -5.43 -3.22
N LYS B 29 -6.73 -4.36 -2.52
CA LYS B 29 -6.10 -4.46 -1.22
C LYS B 29 -7.03 -5.15 -0.22
N ALA B 30 -8.31 -4.81 -0.28
CA ALA B 30 -9.33 -5.40 0.60
C ALA B 30 -9.38 -6.91 0.45
N MET B 31 -9.66 -7.37 -0.77
CA MET B 31 -9.71 -8.79 -1.08
C MET B 31 -8.45 -9.50 -0.60
N LYS B 32 -7.31 -8.81 -0.72
CA LYS B 32 -6.04 -9.34 -0.26
C LYS B 32 -5.94 -9.36 1.27
N ASP B 33 -6.55 -8.37 1.92
CA ASP B 33 -6.43 -8.23 3.39
C ASP B 33 -7.31 -9.22 4.16
N TYR B 34 -8.40 -9.63 3.53
CA TYR B 34 -9.41 -10.42 4.19
C TYR B 34 -9.36 -11.86 3.69
N ASP B 35 -8.32 -12.16 2.90
CA ASP B 35 -8.10 -13.48 2.29
C ASP B 35 -9.29 -13.90 1.44
N LEU B 36 -9.60 -13.07 0.45
CA LEU B 36 -10.74 -13.33 -0.42
C LEU B 36 -10.29 -13.70 -1.83
N ASN B 37 -9.16 -14.39 -1.93
CA ASN B 37 -8.49 -14.63 -3.21
C ASN B 37 -9.14 -15.67 -4.12
N ASP B 38 -10.27 -16.21 -3.68
CA ASP B 38 -11.12 -17.04 -4.52
C ASP B 38 -12.39 -16.28 -5.00
N TRP B 39 -12.54 -15.04 -4.56
CA TRP B 39 -13.61 -14.15 -5.02
C TRP B 39 -13.27 -13.51 -6.37
N THR B 40 -14.31 -13.08 -7.07
CA THR B 40 -14.18 -12.37 -8.35
C THR B 40 -14.63 -10.93 -8.19
N LEU B 41 -13.76 -10.00 -8.59
CA LEU B 41 -14.15 -8.61 -8.68
C LEU B 41 -14.39 -8.25 -10.14
N ILE B 42 -15.65 -8.04 -10.49
CA ILE B 42 -16.03 -7.59 -11.82
C ILE B 42 -15.72 -6.10 -11.94
N SER B 43 -14.96 -5.74 -12.98
CA SER B 43 -14.77 -4.35 -13.38
C SER B 43 -15.88 -4.00 -14.34
N ALA B 44 -16.35 -2.76 -14.26
CA ALA B 44 -17.38 -2.28 -15.17
C ALA B 44 -17.22 -0.79 -15.37
N SER B 45 -18.21 0.00 -14.92
CA SER B 45 -18.14 1.47 -14.88
C SER B 45 -19.24 1.96 -13.94
N SER B 46 -19.30 3.26 -13.66
CA SER B 46 -20.41 3.81 -12.87
C SER B 46 -21.76 3.46 -13.49
N ALA B 47 -22.03 3.99 -14.67
CA ALA B 47 -23.26 3.72 -15.41
C ALA B 47 -23.66 2.24 -15.42
N ALA B 48 -22.71 1.35 -15.67
CA ALA B 48 -22.97 -0.10 -15.78
C ALA B 48 -23.29 -0.79 -14.45
N MET B 49 -22.60 -0.38 -13.40
CA MET B 49 -22.75 -0.96 -12.08
C MET B 49 -24.05 -0.49 -11.42
N THR B 50 -24.39 0.79 -11.60
CA THR B 50 -25.64 1.34 -11.05
C THR B 50 -26.86 0.73 -11.73
N ALA B 51 -26.71 0.38 -13.00
CA ALA B 51 -27.73 -0.34 -13.76
C ALA B 51 -27.90 -1.79 -13.24
N THR B 52 -26.78 -2.49 -13.02
CA THR B 52 -26.79 -3.84 -12.45
C THR B 52 -27.37 -3.82 -11.04
N LEU B 53 -27.06 -2.76 -10.29
CA LEU B 53 -27.61 -2.57 -8.95
C LEU B 53 -29.15 -2.44 -9.02
N LYS B 54 -29.62 -1.65 -9.97
CA LYS B 54 -31.05 -1.47 -10.16
C LYS B 54 -31.77 -2.81 -10.41
N LYS B 55 -31.30 -3.59 -11.38
CA LYS B 55 -31.87 -4.91 -11.67
C LYS B 55 -32.01 -5.78 -10.42
N SER B 56 -30.91 -5.93 -9.68
CA SER B 56 -30.85 -6.81 -8.50
C SER B 56 -31.68 -6.31 -7.33
N TYR B 57 -31.75 -4.99 -7.17
CA TYR B 57 -32.56 -4.38 -6.12
C TYR B 57 -34.04 -4.74 -6.31
N ASP B 58 -34.55 -4.43 -7.50
CA ASP B 58 -35.96 -4.67 -7.86
C ASP B 58 -36.36 -6.12 -7.66
N ARG B 59 -35.47 -7.02 -8.04
CA ARG B 59 -35.70 -8.47 -7.97
C ARG B 59 -35.49 -9.04 -6.57
N LYS B 60 -35.00 -8.20 -5.65
CA LYS B 60 -34.49 -8.64 -4.33
C LYS B 60 -33.45 -9.74 -4.49
N LYS B 61 -32.55 -9.54 -5.45
CA LYS B 61 -31.42 -10.42 -5.70
C LYS B 61 -30.26 -9.90 -4.85
N PRO B 62 -29.58 -10.76 -4.09
CA PRO B 62 -28.43 -10.33 -3.30
C PRO B 62 -27.27 -9.88 -4.20
N ILE B 63 -26.65 -8.75 -3.86
CA ILE B 63 -25.56 -8.11 -4.63
C ILE B 63 -24.56 -7.40 -3.70
N ILE B 64 -23.27 -7.44 -4.04
CA ILE B 64 -22.24 -6.69 -3.34
C ILE B 64 -21.50 -5.77 -4.31
N ILE B 65 -21.76 -4.47 -4.23
CA ILE B 65 -21.07 -3.51 -5.09
C ILE B 65 -19.87 -2.88 -4.40
N THR B 66 -19.11 -2.10 -5.17
CA THR B 66 -18.19 -1.10 -4.59
C THR B 66 -18.89 0.27 -4.57
N GLY B 67 -19.24 0.72 -3.37
CA GLY B 67 -19.94 1.98 -3.20
C GLY B 67 -19.06 3.05 -2.58
N TRP B 68 -19.37 4.29 -2.92
CA TRP B 68 -18.74 5.44 -2.27
C TRP B 68 -19.86 6.35 -1.82
N THR B 69 -19.64 7.05 -0.69
CA THR B 69 -20.72 7.76 -0.03
C THR B 69 -21.25 8.97 -0.80
N PRO B 70 -20.42 10.02 -1.06
CA PRO B 70 -20.90 11.15 -1.88
C PRO B 70 -21.43 10.67 -3.26
N HIS B 71 -22.65 10.15 -3.25
CA HIS B 71 -23.28 9.58 -4.43
C HIS B 71 -24.78 9.40 -4.21
N TRP B 72 -25.55 9.62 -5.27
CA TRP B 72 -27.01 9.49 -5.20
C TRP B 72 -27.52 8.07 -4.94
N MET B 73 -26.64 7.07 -5.02
CA MET B 73 -27.05 5.65 -4.85
C MET B 73 -27.63 5.35 -3.47
N PHE B 74 -27.11 6.02 -2.46
CA PHE B 74 -27.66 5.88 -1.11
C PHE B 74 -29.00 6.62 -0.92
N SER B 75 -29.37 7.46 -1.88
CA SER B 75 -30.65 8.17 -1.83
C SER B 75 -31.76 7.39 -2.54
N ARG B 76 -31.49 6.94 -3.76
CA ARG B 76 -32.44 6.13 -4.54
C ARG B 76 -32.63 4.72 -3.92
N TYR B 77 -31.65 4.27 -3.13
CA TYR B 77 -31.69 2.93 -2.54
C TYR B 77 -31.36 2.88 -1.05
N LYS B 78 -32.02 1.94 -0.36
CA LYS B 78 -31.66 1.55 1.00
C LYS B 78 -30.44 0.61 1.00
N LEU B 79 -29.25 1.22 1.09
CA LEU B 79 -27.98 0.49 1.05
C LEU B 79 -27.22 0.61 2.38
N LYS B 80 -26.15 -0.17 2.56
CA LYS B 80 -25.33 -0.12 3.77
C LYS B 80 -23.86 -0.51 3.49
N TYR B 81 -22.95 -0.01 4.32
CA TYR B 81 -21.57 -0.49 4.27
C TYR B 81 -21.36 -1.80 5.03
N LEU B 82 -20.62 -2.70 4.43
CA LEU B 82 -20.03 -3.81 5.17
C LEU B 82 -18.87 -3.21 5.99
N ASP B 83 -18.79 -3.58 7.26
CA ASP B 83 -17.77 -3.03 8.15
C ASP B 83 -16.37 -3.40 7.69
N ASP B 84 -15.46 -2.43 7.83
CA ASP B 84 -14.06 -2.60 7.47
C ASP B 84 -13.16 -2.49 8.71
N PRO B 85 -13.11 -3.55 9.55
CA PRO B 85 -12.27 -3.51 10.75
C PRO B 85 -10.76 -3.40 10.45
N LYS B 86 -10.32 -3.96 9.33
CA LYS B 86 -8.91 -3.88 8.91
C LYS B 86 -8.59 -2.55 8.20
N GLN B 87 -9.63 -1.74 8.02
CA GLN B 87 -9.57 -0.43 7.39
C GLN B 87 -8.76 -0.37 6.10
N SER B 88 -9.00 -1.39 5.26
CA SER B 88 -8.35 -1.56 3.95
C SER B 88 -8.56 -0.34 3.06
N TYR B 89 -9.71 0.30 3.23
CA TYR B 89 -10.08 1.47 2.43
C TYR B 89 -9.56 2.78 3.03
N GLY B 90 -8.68 2.67 4.03
CA GLY B 90 -8.20 3.83 4.76
C GLY B 90 -9.32 4.54 5.47
N SER B 91 -9.10 5.80 5.83
CA SER B 91 -10.11 6.63 6.51
C SER B 91 -9.95 8.12 6.24
N ALA B 92 -10.71 8.91 6.99
CA ALA B 92 -10.70 10.38 6.89
C ALA B 92 -10.56 10.92 5.47
N GLU B 93 -11.24 10.28 4.51
CA GLU B 93 -11.20 10.74 3.13
C GLU B 93 -11.88 12.09 2.95
N GLU B 94 -11.30 12.91 2.07
CA GLU B 94 -11.76 14.28 1.87
C GLU B 94 -11.71 14.63 0.39
N ILE B 95 -12.59 15.53 -0.01
CA ILE B 95 -12.50 16.17 -1.35
C ILE B 95 -11.74 17.50 -1.25
N HIS B 96 -10.71 17.65 -2.07
CA HIS B 96 -9.81 18.79 -1.98
C HIS B 96 -9.89 19.69 -3.21
N THR B 97 -9.55 20.96 -3.02
CA THR B 97 -9.50 21.93 -4.09
C THR B 97 -8.03 22.15 -4.42
N ILE B 98 -7.60 21.74 -5.61
CA ILE B 98 -6.21 21.92 -6.04
C ILE B 98 -6.03 22.86 -7.25
N THR B 99 -4.92 23.58 -7.26
CA THR B 99 -4.57 24.44 -8.41
C THR B 99 -3.18 24.12 -8.94
N ARG B 100 -2.84 24.74 -10.07
CA ARG B 100 -1.50 24.68 -10.62
C ARG B 100 -0.55 25.53 -9.77
N LYS B 101 0.69 25.08 -9.65
CA LYS B 101 1.72 25.83 -8.94
C LYS B 101 1.74 27.30 -9.37
N GLY B 102 1.53 28.18 -8.39
CA GLY B 102 1.59 29.62 -8.64
C GLY B 102 0.32 30.28 -9.14
N PHE B 103 -0.82 29.60 -8.99
CA PHE B 103 -2.11 30.16 -9.39
C PHE B 103 -2.60 31.24 -8.43
N SER B 104 -2.35 31.02 -7.14
CA SER B 104 -2.76 31.94 -6.07
C SER B 104 -2.24 33.37 -6.25
N LYS B 105 -1.06 33.50 -6.84
CA LYS B 105 -0.44 34.81 -7.01
C LYS B 105 -0.65 35.38 -8.40
N GLU B 106 -0.83 34.48 -9.37
CA GLU B 106 -1.23 34.82 -10.73
C GLU B 106 -2.65 35.40 -10.69
N GLN B 107 -3.51 34.77 -9.90
CA GLN B 107 -4.90 35.19 -9.74
C GLN B 107 -5.36 35.06 -8.29
N PRO B 108 -5.11 36.09 -7.47
CA PRO B 108 -5.42 36.03 -6.03
C PRO B 108 -6.93 35.96 -5.77
N ASN B 109 -7.69 36.72 -6.56
CA ASN B 109 -9.15 36.78 -6.47
C ASN B 109 -9.86 35.43 -6.68
N ALA B 110 -9.47 34.71 -7.72
CA ALA B 110 -10.09 33.43 -8.08
C ALA B 110 -9.75 32.36 -7.05
N ALA B 111 -8.50 32.39 -6.58
CA ALA B 111 -8.02 31.47 -5.56
C ALA B 111 -8.73 31.68 -4.23
N LYS B 112 -9.02 32.94 -3.91
CA LYS B 112 -9.78 33.30 -2.71
C LYS B 112 -11.09 32.54 -2.68
N LEU B 113 -11.83 32.61 -3.78
CA LEU B 113 -13.12 31.92 -3.92
C LEU B 113 -12.99 30.39 -3.83
N LEU B 114 -12.06 29.83 -4.63
CA LEU B 114 -11.79 28.40 -4.67
C LEU B 114 -11.43 27.84 -3.30
N SER B 115 -10.65 28.60 -2.53
CA SER B 115 -10.21 28.18 -1.20
C SER B 115 -11.32 28.25 -0.16
N GLN B 116 -12.36 29.04 -0.44
CA GLN B 116 -13.48 29.22 0.48
C GLN B 116 -14.65 28.28 0.17
N PHE B 117 -14.53 27.53 -0.91
CA PHE B 117 -15.55 26.57 -1.31
C PHE B 117 -15.67 25.37 -0.34
N LYS B 118 -16.83 25.27 0.31
CA LYS B 118 -17.18 24.15 1.20
C LYS B 118 -18.66 23.82 1.01
N TRP B 119 -19.02 22.56 1.20
CA TRP B 119 -20.44 22.16 1.33
C TRP B 119 -20.59 20.72 1.86
N THR B 120 -21.83 20.31 2.15
CA THR B 120 -22.09 18.99 2.72
C THR B 120 -22.51 17.99 1.64
N GLN B 121 -22.62 16.71 2.05
CA GLN B 121 -22.95 15.59 1.18
C GLN B 121 -24.35 15.66 0.60
N ASP B 122 -25.31 16.09 1.40
CA ASP B 122 -26.68 16.17 0.94
C ASP B 122 -26.89 17.40 0.08
N GLU B 123 -26.07 18.42 0.31
CA GLU B 123 -26.05 19.63 -0.53
C GLU B 123 -25.56 19.29 -1.93
N MET B 124 -24.53 18.44 -2.02
CA MET B 124 -24.07 17.90 -3.30
C MET B 124 -25.15 17.01 -3.95
N GLY B 125 -25.83 16.18 -3.14
CA GLY B 125 -26.96 15.35 -3.60
C GLY B 125 -28.13 16.12 -4.17
N GLU B 126 -28.40 17.29 -3.59
CA GLU B 126 -29.33 18.29 -4.13
C GLU B 126 -29.08 18.44 -5.64
N ILE B 127 -27.81 18.47 -6.05
CA ILE B 127 -27.46 18.54 -7.48
C ILE B 127 -27.43 17.17 -8.18
N MET B 128 -26.64 16.25 -7.64
CA MET B 128 -26.50 14.89 -8.20
C MET B 128 -27.82 14.21 -8.57
N ILE B 129 -28.83 14.34 -7.71
CA ILE B 129 -30.14 13.70 -7.93
C ILE B 129 -30.87 14.31 -9.13
N LYS B 130 -30.95 15.63 -9.16
CA LYS B 130 -31.56 16.35 -10.26
C LYS B 130 -30.89 16.08 -11.61
N VAL B 131 -29.56 15.90 -11.58
CA VAL B 131 -28.81 15.60 -12.81
C VAL B 131 -29.07 14.19 -13.33
N GLU B 132 -29.10 13.20 -12.42
CA GLU B 132 -29.48 11.83 -12.79
C GLU B 132 -30.94 11.73 -13.26
N GLU B 133 -31.80 12.61 -12.76
CA GLU B 133 -33.16 12.76 -13.26
C GLU B 133 -33.17 13.32 -14.68
N GLY B 134 -32.00 13.69 -15.19
CA GLY B 134 -31.88 14.18 -16.57
C GLY B 134 -31.87 15.69 -16.73
N GLU B 135 -31.96 16.41 -15.62
CA GLU B 135 -31.78 17.85 -15.63
C GLU B 135 -30.34 18.18 -16.03
N LYS B 136 -30.19 19.23 -16.83
CA LYS B 136 -28.89 19.65 -17.30
C LYS B 136 -28.06 20.32 -16.20
N PRO B 137 -26.83 19.82 -15.99
CA PRO B 137 -25.97 20.28 -14.89
C PRO B 137 -25.85 21.80 -14.73
N ALA B 138 -25.69 22.53 -15.84
CA ALA B 138 -25.58 24.01 -15.80
C ALA B 138 -26.85 24.69 -15.30
N LYS B 139 -28.01 24.11 -15.62
CA LYS B 139 -29.30 24.58 -15.11
C LYS B 139 -29.44 24.30 -13.60
N VAL B 140 -29.15 23.08 -13.17
CA VAL B 140 -29.20 22.71 -11.75
C VAL B 140 -28.22 23.57 -10.93
N ALA B 141 -27.04 23.84 -11.50
CA ALA B 141 -26.07 24.73 -10.86
C ALA B 141 -26.64 26.13 -10.65
N ALA B 142 -27.29 26.68 -11.69
CA ALA B 142 -27.96 27.98 -11.58
C ALA B 142 -29.07 27.94 -10.52
N GLU B 143 -29.96 26.95 -10.60
CA GLU B 143 -31.02 26.73 -9.61
C GLU B 143 -30.48 26.68 -8.19
N TYR B 144 -29.33 26.02 -8.03
CA TYR B 144 -28.66 25.87 -6.74
C TYR B 144 -28.18 27.19 -6.15
N VAL B 145 -27.54 28.02 -6.98
CA VAL B 145 -26.95 29.28 -6.50
C VAL B 145 -28.00 30.35 -6.21
N ASN B 146 -29.10 30.29 -6.94
CA ASN B 146 -30.21 31.22 -6.75
C ASN B 146 -31.17 30.74 -5.65
N LYS B 147 -30.77 29.67 -4.97
CA LYS B 147 -31.53 29.07 -3.87
C LYS B 147 -30.75 29.17 -2.55
N HIS B 148 -29.56 28.57 -2.52
CA HIS B 148 -28.64 28.65 -1.36
C HIS B 148 -27.88 30.00 -1.32
N LYS B 149 -28.63 31.11 -1.29
CA LYS B 149 -28.08 32.48 -1.33
C LYS B 149 -26.98 32.78 -0.31
N ASP B 150 -27.15 32.24 0.90
CA ASP B 150 -26.21 32.48 2.00
C ASP B 150 -24.90 31.68 1.88
N GLN B 151 -24.97 30.51 1.29
CA GLN B 151 -23.80 29.69 1.11
C GLN B 151 -22.84 30.34 0.12
N ILE B 152 -23.39 30.91 -0.94
CA ILE B 152 -22.58 31.62 -1.95
C ILE B 152 -21.86 32.83 -1.33
N ALA B 153 -22.58 33.59 -0.49
CA ALA B 153 -22.01 34.69 0.26
C ALA B 153 -20.75 34.28 1.04
N GLU B 154 -20.82 33.15 1.74
CA GLU B 154 -19.65 32.55 2.39
C GLU B 154 -18.51 32.47 1.37
N TRP B 155 -18.76 31.74 0.28
CA TRP B 155 -17.76 31.48 -0.74
C TRP B 155 -17.21 32.75 -1.39
N THR B 156 -18.07 33.73 -1.66
CA THR B 156 -17.66 34.96 -2.33
C THR B 156 -17.27 36.09 -1.37
N LYS B 157 -17.09 35.75 -0.10
CA LYS B 157 -16.73 36.73 0.92
C LYS B 157 -15.41 37.41 0.57
N GLY B 158 -15.45 38.74 0.51
CA GLY B 158 -14.29 39.56 0.15
C GLY B 158 -13.73 39.21 -1.22
N VAL B 159 -14.59 38.80 -2.15
CA VAL B 159 -14.19 38.42 -3.51
C VAL B 159 -14.74 39.43 -4.53
N GLN B 160 -13.83 40.16 -5.17
CA GLN B 160 -14.16 41.19 -6.17
C GLN B 160 -14.70 40.58 -7.48
N LYS B 161 -15.28 41.45 -8.33
CA LYS B 161 -15.68 41.06 -9.67
C LYS B 161 -14.57 41.37 -10.69
N VAL B 162 -14.56 40.59 -11.78
CA VAL B 162 -13.54 40.70 -12.83
C VAL B 162 -14.15 41.00 -14.21
N LYS B 163 -13.34 41.51 -15.14
CA LYS B 163 -13.80 41.82 -16.49
C LYS B 163 -13.46 40.73 -17.52
N GLY B 164 -14.12 39.58 -17.40
CA GLY B 164 -14.02 38.52 -18.41
C GLY B 164 -12.75 37.69 -18.38
N ASP B 165 -12.07 37.68 -17.23
CA ASP B 165 -10.87 36.88 -17.01
C ASP B 165 -11.07 35.40 -17.33
N LYS B 166 -10.06 34.79 -17.93
CA LYS B 166 -10.15 33.38 -18.34
C LYS B 166 -9.77 32.40 -17.22
N ILE B 167 -10.56 31.32 -17.09
CA ILE B 167 -10.25 30.28 -16.13
C ILE B 167 -10.60 28.87 -16.62
N ASN B 168 -9.67 27.95 -16.44
CA ASN B 168 -9.82 26.59 -16.91
C ASN B 168 -9.97 25.61 -15.76
N LEU B 169 -11.19 25.11 -15.55
CA LEU B 169 -11.41 24.13 -14.49
C LEU B 169 -11.40 22.71 -15.05
N ALA B 170 -10.45 21.90 -14.58
CA ALA B 170 -10.39 20.50 -14.95
C ALA B 170 -11.24 19.66 -14.00
N TYR B 171 -12.07 18.79 -14.57
CA TYR B 171 -12.87 17.87 -13.77
C TYR B 171 -12.80 16.44 -14.29
N VAL B 172 -12.89 15.51 -13.36
CA VAL B 172 -13.12 14.11 -13.68
C VAL B 172 -14.63 13.85 -13.65
N ALA B 173 -15.14 13.11 -14.64
CA ALA B 173 -16.58 12.94 -14.85
C ALA B 173 -17.31 11.95 -13.93
N TRP B 174 -16.98 11.93 -12.64
CA TRP B 174 -17.83 11.27 -11.64
C TRP B 174 -18.93 12.24 -11.28
N ASP B 175 -20.11 11.71 -10.94
CA ASP B 175 -21.32 12.52 -10.70
C ASP B 175 -21.16 13.57 -9.60
N SER B 176 -20.34 13.24 -8.61
CA SER B 176 -20.03 14.14 -7.51
C SER B 176 -19.32 15.39 -8.04
N GLU B 177 -18.34 15.17 -8.92
CA GLU B 177 -17.51 16.25 -9.43
C GLU B 177 -18.15 17.01 -10.59
N ILE B 178 -19.16 16.40 -11.21
CA ILE B 178 -20.03 17.14 -12.13
C ILE B 178 -20.85 18.14 -11.31
N ALA B 179 -21.23 17.74 -10.10
CA ALA B 179 -21.95 18.61 -9.20
C ALA B 179 -21.12 19.83 -8.87
N SER B 180 -19.99 19.59 -8.21
CA SER B 180 -19.13 20.65 -7.68
C SER B 180 -18.53 21.57 -8.74
N THR B 181 -18.02 20.98 -9.81
CA THR B 181 -17.35 21.76 -10.83
C THR B 181 -18.33 22.73 -11.49
N ASN B 182 -19.57 22.29 -11.68
CA ASN B 182 -20.59 23.17 -12.28
C ASN B 182 -21.06 24.29 -11.38
N VAL B 183 -21.28 23.97 -10.10
CA VAL B 183 -21.76 24.97 -9.15
C VAL B 183 -20.72 26.08 -9.02
N ILE B 184 -19.47 25.70 -8.84
CA ILE B 184 -18.37 26.67 -8.77
C ILE B 184 -18.17 27.38 -10.10
N GLY B 185 -18.23 26.62 -11.20
CA GLY B 185 -18.20 27.18 -12.54
C GLY B 185 -19.21 28.30 -12.71
N LYS B 186 -20.42 28.08 -12.22
CA LYS B 186 -21.50 29.06 -12.31
C LYS B 186 -21.19 30.29 -11.46
N VAL B 187 -20.67 30.06 -10.25
CA VAL B 187 -20.33 31.15 -9.34
C VAL B 187 -19.32 32.09 -9.99
N LEU B 188 -18.31 31.50 -10.63
CA LEU B 188 -17.29 32.26 -11.36
C LEU B 188 -17.88 33.02 -12.55
N GLU B 189 -18.85 32.41 -13.23
CA GLU B 189 -19.53 33.06 -14.35
C GLU B 189 -20.37 34.23 -13.89
N ASP B 190 -21.03 34.07 -12.74
CA ASP B 190 -21.79 35.15 -12.12
C ASP B 190 -20.86 36.27 -11.67
N LEU B 191 -19.58 35.94 -11.49
CA LEU B 191 -18.57 36.87 -11.03
C LEU B 191 -17.91 37.64 -12.19
N GLY B 192 -18.24 37.24 -13.42
CA GLY B 192 -17.70 37.87 -14.63
C GLY B 192 -16.47 37.18 -15.20
N TYR B 193 -16.30 35.89 -14.91
CA TYR B 193 -15.16 35.11 -15.41
C TYR B 193 -15.54 34.37 -16.69
N GLU B 194 -14.57 34.21 -17.59
CA GLU B 194 -14.74 33.36 -18.77
C GLU B 194 -14.28 31.94 -18.41
N VAL B 195 -15.25 31.08 -18.14
CA VAL B 195 -14.96 29.76 -17.57
C VAL B 195 -14.98 28.64 -18.61
N THR B 196 -13.90 27.87 -18.66
CA THR B 196 -13.83 26.64 -19.42
C THR B 196 -13.80 25.50 -18.42
N LEU B 197 -14.57 24.46 -18.69
CA LEU B 197 -14.46 23.20 -17.94
C LEU B 197 -13.87 22.15 -18.87
N THR B 198 -12.71 21.63 -18.50
CA THR B 198 -12.05 20.60 -19.30
C THR B 198 -12.20 19.23 -18.65
N GLN B 199 -12.89 18.33 -19.35
CA GLN B 199 -13.10 16.97 -18.85
C GLN B 199 -11.90 16.10 -19.16
N VAL B 200 -11.49 15.29 -18.18
CA VAL B 200 -10.35 14.38 -18.32
C VAL B 200 -10.48 13.22 -17.34
N GLU B 201 -9.72 12.15 -17.58
CA GLU B 201 -9.61 11.06 -16.60
C GLU B 201 -8.75 11.56 -15.45
N ALA B 202 -8.81 10.89 -14.30
CA ALA B 202 -7.81 11.09 -13.25
C ALA B 202 -6.46 10.60 -13.77
N GLY B 203 -5.42 11.40 -13.58
CA GLY B 203 -4.15 11.10 -14.22
C GLY B 203 -3.92 12.22 -15.19
N PRO B 204 -4.55 12.17 -16.37
CA PRO B 204 -4.61 13.34 -17.26
C PRO B 204 -5.03 14.62 -16.51
N MET B 205 -5.95 14.49 -15.55
CA MET B 205 -6.33 15.60 -14.68
C MET B 205 -5.16 16.10 -13.83
N TRP B 206 -4.49 15.17 -13.15
CA TRP B 206 -3.36 15.49 -12.29
C TRP B 206 -2.20 16.08 -13.10
N THR B 207 -1.96 15.50 -14.27
CA THR B 207 -0.93 15.97 -15.19
C THR B 207 -1.22 17.40 -15.61
N ALA B 208 -2.46 17.65 -16.05
CA ALA B 208 -2.88 18.98 -16.51
C ALA B 208 -2.59 20.06 -15.46
N ILE B 209 -2.92 19.76 -14.20
CA ILE B 209 -2.67 20.67 -13.07
C ILE B 209 -1.18 20.83 -12.80
N ALA B 210 -0.46 19.72 -12.72
CA ALA B 210 0.98 19.73 -12.42
C ALA B 210 1.81 20.39 -13.52
N THR B 211 1.31 20.33 -14.76
CA THR B 211 1.98 20.96 -15.90
C THR B 211 1.27 22.25 -16.37
N GLY B 212 0.56 22.92 -15.47
CA GLY B 212 -0.06 24.22 -15.74
C GLY B 212 -1.10 24.33 -16.85
N SER B 213 -1.38 23.23 -17.53
CA SER B 213 -2.31 23.23 -18.68
C SER B 213 -3.77 23.29 -18.26
N ALA B 214 -4.01 23.25 -16.95
CA ALA B 214 -5.30 23.59 -16.37
C ALA B 214 -5.09 24.41 -15.10
N ASP B 215 -6.02 25.32 -14.82
CA ASP B 215 -5.90 26.22 -13.66
C ASP B 215 -6.28 25.57 -12.34
N ALA B 216 -7.46 24.96 -12.28
CA ALA B 216 -7.92 24.39 -11.01
C ALA B 216 -8.78 23.14 -11.19
N SER B 217 -8.88 22.36 -10.12
CA SER B 217 -9.69 21.16 -10.10
C SER B 217 -10.31 20.94 -8.73
N LEU B 218 -11.53 20.43 -8.71
CA LEU B 218 -12.26 20.15 -7.48
C LEU B 218 -12.49 18.65 -7.37
N SER B 219 -11.55 17.88 -7.93
CA SER B 219 -11.73 16.44 -8.10
C SER B 219 -10.68 15.61 -7.34
N ALA B 220 -9.87 16.28 -6.53
CA ALA B 220 -8.86 15.60 -5.72
C ALA B 220 -9.54 14.93 -4.53
N TRP B 221 -9.49 13.61 -4.51
CA TRP B 221 -9.97 12.81 -3.39
C TRP B 221 -8.74 12.26 -2.68
N LEU B 222 -8.48 12.82 -1.49
CA LEU B 222 -7.26 12.57 -0.72
C LEU B 222 -7.66 12.21 0.71
N PRO B 223 -6.83 11.45 1.44
CA PRO B 223 -5.55 10.93 0.96
C PRO B 223 -5.59 9.59 0.25
N ASN B 224 -6.68 8.83 0.41
CA ASN B 224 -6.73 7.43 -0.03
C ASN B 224 -6.94 7.18 -1.53
N THR B 225 -7.79 7.97 -2.17
CA THR B 225 -8.18 7.71 -3.56
C THR B 225 -7.07 7.98 -4.58
N HIS B 226 -6.39 9.10 -4.41
CA HIS B 226 -5.33 9.54 -5.33
C HIS B 226 -3.97 9.55 -4.63
N LYS B 227 -3.76 8.57 -3.76
CA LYS B 227 -2.49 8.40 -3.03
C LYS B 227 -1.32 8.57 -3.98
N ALA B 228 -1.31 7.75 -5.03
CA ALA B 228 -0.24 7.67 -6.01
C ALA B 228 -0.10 8.95 -6.85
N TYR B 229 -1.24 9.45 -7.35
CA TYR B 229 -1.24 10.69 -8.14
C TYR B 229 -0.71 11.89 -7.35
N ALA B 230 -1.16 12.05 -6.10
CA ALA B 230 -0.67 13.12 -5.23
C ALA B 230 0.83 12.99 -4.94
N ALA B 231 1.27 11.76 -4.68
CA ALA B 231 2.69 11.46 -4.48
C ALA B 231 3.52 11.85 -5.70
N LYS B 232 3.11 11.34 -6.87
CA LYS B 232 3.76 11.59 -8.16
C LYS B 232 4.01 13.07 -8.46
N TYR B 233 3.07 13.94 -8.06
CA TYR B 233 3.21 15.39 -8.29
C TYR B 233 3.33 16.15 -6.97
N LYS B 234 4.15 15.62 -6.07
CA LYS B 234 4.29 16.09 -4.69
C LYS B 234 4.53 17.58 -4.56
N GLY B 235 5.52 18.11 -5.27
CA GLY B 235 5.87 19.53 -5.13
C GLY B 235 5.46 20.41 -6.29
N LYS B 236 4.49 19.94 -7.09
CA LYS B 236 4.17 20.57 -8.38
C LYS B 236 2.74 21.08 -8.51
N TYR B 237 1.98 21.04 -7.41
CA TYR B 237 0.62 21.60 -7.38
C TYR B 237 0.38 22.36 -6.07
N ASP B 238 -0.77 23.02 -5.97
CA ASP B 238 -1.21 23.69 -4.73
C ASP B 238 -2.49 23.03 -4.23
N ASP B 239 -2.52 22.70 -2.95
CA ASP B 239 -3.73 22.22 -2.27
C ASP B 239 -4.29 23.35 -1.39
N ILE B 240 -5.30 24.05 -1.90
CA ILE B 240 -5.72 25.33 -1.32
C ILE B 240 -7.06 25.32 -0.59
N GLY B 241 -7.66 24.14 -0.45
CA GLY B 241 -8.90 24.01 0.32
C GLY B 241 -9.43 22.59 0.38
N THR B 242 -10.22 22.30 1.41
CA THR B 242 -10.98 21.05 1.49
C THR B 242 -12.46 21.36 1.30
N SER B 243 -13.05 20.80 0.25
CA SER B 243 -14.44 21.08 -0.06
C SER B 243 -15.45 20.14 0.61
N MET B 244 -14.97 19.00 1.10
CA MET B 244 -15.82 18.07 1.84
C MET B 244 -15.04 17.01 2.61
N THR B 245 -15.57 16.68 3.78
CA THR B 245 -14.99 15.65 4.65
C THR B 245 -15.98 14.49 4.81
N GLY B 246 -15.58 13.46 5.56
CA GLY B 246 -16.48 12.35 5.86
C GLY B 246 -16.95 11.51 4.69
N VAL B 247 -16.26 11.61 3.55
CA VAL B 247 -16.54 10.74 2.41
C VAL B 247 -16.04 9.32 2.75
N LYS B 248 -16.90 8.32 2.56
CA LYS B 248 -16.57 6.92 2.89
C LYS B 248 -16.57 6.09 1.61
N MET B 249 -15.88 4.94 1.65
CA MET B 249 -15.94 3.99 0.53
C MET B 249 -15.67 2.54 0.94
N GLY B 250 -16.28 1.63 0.19
CA GLY B 250 -16.06 0.22 0.43
C GLY B 250 -17.09 -0.65 -0.20
N LEU B 251 -17.29 -1.81 0.41
CA LEU B 251 -18.24 -2.80 -0.07
C LEU B 251 -19.62 -2.46 0.45
N VAL B 252 -20.56 -2.35 -0.49
CA VAL B 252 -21.92 -1.92 -0.21
C VAL B 252 -22.89 -3.04 -0.63
N VAL B 253 -23.81 -3.37 0.27
CA VAL B 253 -24.90 -4.28 -0.04
C VAL B 253 -26.21 -3.57 0.25
N PRO B 254 -27.31 -4.03 -0.34
CA PRO B 254 -28.61 -3.49 -0.02
C PRO B 254 -29.01 -3.93 1.37
N GLN B 255 -29.87 -3.15 2.01
CA GLN B 255 -30.28 -3.41 3.38
C GLN B 255 -31.05 -4.72 3.56
N TYR B 256 -31.63 -5.26 2.50
CA TYR B 256 -32.40 -6.50 2.65
C TYR B 256 -31.51 -7.69 3.02
N MET B 257 -30.23 -7.63 2.64
CA MET B 257 -29.22 -8.61 3.05
C MET B 257 -28.87 -8.43 4.53
N LYS B 258 -29.83 -8.73 5.40
CA LYS B 258 -29.70 -8.50 6.85
C LYS B 258 -28.50 -9.21 7.46
N ASN B 259 -28.24 -10.43 6.99
CA ASN B 259 -27.23 -11.30 7.59
C ASN B 259 -25.80 -11.04 7.14
N VAL B 260 -25.63 -10.07 6.25
CA VAL B 260 -24.33 -9.68 5.77
C VAL B 260 -24.04 -8.25 6.21
N ASN B 261 -23.06 -8.11 7.11
CA ASN B 261 -22.76 -6.82 7.75
C ASN B 261 -21.29 -6.43 7.76
N SER B 262 -20.40 -7.42 7.78
CA SER B 262 -18.97 -7.18 7.75
C SER B 262 -18.36 -7.75 6.46
N ILE B 263 -17.21 -7.22 6.08
CA ILE B 263 -16.42 -7.83 5.02
C ILE B 263 -16.00 -9.22 5.51
N GLU B 264 -15.87 -9.35 6.83
CA GLU B 264 -15.53 -10.61 7.50
C GLU B 264 -16.55 -11.70 7.23
N ASP B 265 -17.80 -11.29 6.97
CA ASP B 265 -18.89 -12.21 6.70
C ASP B 265 -18.70 -12.90 5.36
N LEU B 266 -17.80 -12.38 4.54
CA LEU B 266 -17.50 -12.97 3.23
C LEU B 266 -16.56 -14.17 3.35
N LYS B 267 -15.78 -14.22 4.42
CA LYS B 267 -14.91 -15.36 4.67
C LYS B 267 -15.70 -16.66 4.96
N LYS B 268 -16.92 -16.51 5.47
CA LYS B 268 -17.77 -17.65 5.81
C LYS B 268 -18.18 -18.45 4.57
#